data_3G6U
#
_entry.id   3G6U
#
_cell.length_a   116.243
_cell.length_b   39.088
_cell.length_c   95.610
_cell.angle_alpha   90.00
_cell.angle_beta   122.67
_cell.angle_gamma   90.00
#
_symmetry.space_group_name_H-M   'C 1 2 1'
#
loop_
_entity.id
_entity.type
_entity.pdbx_description
1 polymer 'Glucocorticoid receptor'
2 polymer "DNA (5'-D(*TP*AP*GP*AP*AP*CP*AP*GP*GP*GP*TP*GP*TP*TP*CP*T)-3')"
3 polymer "DNA (5'-D(*AP*AP*GP*AP*AP*CP*AP*CP*CP*CP*TP*GP*TP*TP*CP*T)-3')"
4 non-polymer 'ZINC ION'
5 water water
#
loop_
_entity_poly.entity_id
_entity_poly.type
_entity_poly.pdbx_seq_one_letter_code
_entity_poly.pdbx_strand_id
1 'polypeptide(L)'
;GSHMCLVCSDEASGCHYGVLTCGSCKVFFKRAVEGQHNYLCAGRNDCIIDKIRRKNCPACRYRKCLQAGMNLEARKTKKK
IKGIQQATAG
;
A,B
2 'polydeoxyribonucleotide' (DT)(DA)(DG)(DA)(DA)(DC)(DA)(DG)(DG)(DG)(DT)(DG)(DT)(DT)(DC)(DT) D
3 'polydeoxyribonucleotide' (DA)(DA)(DG)(DA)(DA)(DC)(DA)(DC)(DC)(DC)(DT)(DG)(DT)(DT)(DC)(DT) C
#
loop_
_chem_comp.id
_chem_comp.type
_chem_comp.name
_chem_comp.formula
DA DNA linking 2'-DEOXYADENOSINE-5'-MONOPHOSPHATE 'C10 H14 N5 O6 P'
DC DNA linking 2'-DEOXYCYTIDINE-5'-MONOPHOSPHATE 'C9 H14 N3 O7 P'
DG DNA linking 2'-DEOXYGUANOSINE-5'-MONOPHOSPHATE 'C10 H14 N5 O7 P'
DT DNA linking THYMIDINE-5'-MONOPHOSPHATE 'C10 H15 N2 O8 P'
ZN non-polymer 'ZINC ION' 'Zn 2'
#
# COMPACT_ATOMS: atom_id res chain seq x y z
N SER A 2 -10.02 12.60 24.44
CA SER A 2 -9.71 11.91 23.18
C SER A 2 -9.60 12.92 22.05
N HIS A 3 -8.45 12.90 21.39
CA HIS A 3 -8.29 13.62 20.13
C HIS A 3 -7.35 12.89 19.16
N MET A 4 -7.45 11.56 19.14
CA MET A 4 -6.73 10.81 18.15
C MET A 4 -7.66 10.09 17.18
N CYS A 5 -7.29 10.06 15.91
CA CYS A 5 -8.13 9.39 14.88
C CYS A 5 -8.33 7.89 15.22
N LEU A 6 -9.54 7.33 15.06
CA LEU A 6 -9.75 5.99 15.56
C LEU A 6 -9.44 4.97 14.44
N VAL A 7 -9.16 5.45 13.23
CA VAL A 7 -8.77 4.60 12.11
C VAL A 7 -7.23 4.54 12.01
N CYS A 8 -6.52 5.66 12.16
CA CYS A 8 -5.07 5.64 11.90
C CYS A 8 -4.22 6.24 13.00
N SER A 9 -4.86 6.69 14.09
CA SER A 9 -4.12 7.34 15.20
C SER A 9 -3.48 8.67 14.92
N ASP A 10 -3.62 9.23 13.72
CA ASP A 10 -3.08 10.58 13.50
C ASP A 10 -3.96 11.52 14.38
N GLU A 11 -3.66 12.81 14.43
CA GLU A 11 -4.50 13.71 15.25
C GLU A 11 -5.89 13.86 14.62
N ALA A 12 -6.93 13.52 15.38
CA ALA A 12 -8.31 13.69 14.92
C ALA A 12 -8.70 15.16 14.79
N SER A 13 -9.57 15.49 13.84
CA SER A 13 -9.98 16.91 13.64
C SER A 13 -11.46 17.04 13.93
N GLY A 14 -12.11 15.95 14.33
CA GLY A 14 -13.51 16.00 14.65
C GLY A 14 -14.18 14.66 14.47
N CYS A 15 -15.48 14.68 14.65
CA CYS A 15 -16.29 13.51 14.52
C CYS A 15 -16.84 13.51 13.12
N HIS A 16 -16.34 12.63 12.23
CA HIS A 16 -16.85 12.57 10.86
C HIS A 16 -17.52 11.20 10.55
N TYR A 17 -18.66 11.26 9.89
CA TYR A 17 -19.36 10.01 9.54
C TYR A 17 -19.46 9.20 10.79
N GLY A 18 -19.66 9.89 11.91
CA GLY A 18 -19.95 9.20 13.16
C GLY A 18 -18.77 8.90 14.06
N VAL A 19 -17.55 9.18 13.62
CA VAL A 19 -16.38 8.68 14.32
C VAL A 19 -15.31 9.75 14.44
N LEU A 20 -14.61 9.76 15.56
CA LEU A 20 -13.50 10.65 15.74
C LEU A 20 -12.43 10.25 14.76
N THR A 21 -12.18 11.08 13.75
CA THR A 21 -11.11 10.79 12.80
C THR A 21 -10.38 12.03 12.34
N CYS A 22 -9.28 11.80 11.63
CA CYS A 22 -8.53 12.87 11.01
C CYS A 22 -9.14 13.19 9.67
N GLY A 23 -8.73 14.32 9.06
CA GLY A 23 -9.32 14.74 7.78
C GLY A 23 -8.97 13.76 6.66
N SER A 24 -7.82 13.11 6.74
CA SER A 24 -7.45 12.18 5.66
C SER A 24 -8.36 10.93 5.67
N CYS A 25 -8.69 10.45 6.86
CA CYS A 25 -9.51 9.23 6.93
C CYS A 25 -10.96 9.64 6.65
N LYS A 26 -11.34 10.87 6.99
CA LYS A 26 -12.68 11.37 6.55
C LYS A 26 -12.90 11.27 5.05
N VAL A 27 -11.99 11.86 4.27
CA VAL A 27 -12.18 11.90 2.83
C VAL A 27 -11.87 10.52 2.21
N PHE A 28 -10.91 9.78 2.76
CA PHE A 28 -10.71 8.39 2.27
C PHE A 28 -12.01 7.60 2.38
N PHE A 29 -12.67 7.69 3.52
CA PHE A 29 -13.87 6.90 3.71
C PHE A 29 -14.99 7.32 2.74
N LYS A 30 -15.23 8.62 2.64
CA LYS A 30 -16.21 9.11 1.66
C LYS A 30 -15.92 8.61 0.28
N ARG A 31 -14.66 8.69 -0.10
CA ARG A 31 -14.27 8.21 -1.42
C ARG A 31 -14.54 6.72 -1.55
N ALA A 32 -14.19 5.95 -0.53
CA ALA A 32 -14.35 4.45 -0.62
C ALA A 32 -15.84 4.03 -0.65
N VAL A 33 -16.71 4.75 0.07
CA VAL A 33 -18.13 4.42 0.17
C VAL A 33 -18.90 4.84 -1.06
N GLU A 34 -18.50 5.98 -1.63
CA GLU A 34 -19.26 6.53 -2.74
C GLU A 34 -18.86 5.90 -4.04
N GLY A 35 -17.73 5.22 -4.04
CA GLY A 35 -17.26 4.67 -5.27
C GLY A 35 -17.13 3.15 -5.08
N GLN A 36 -16.14 2.58 -5.75
CA GLN A 36 -15.80 1.14 -5.64
C GLN A 36 -14.72 1.03 -4.59
N HIS A 37 -14.62 -0.14 -3.97
CA HIS A 37 -13.58 -0.33 -2.96
C HIS A 37 -13.19 -1.78 -3.02
N ASN A 38 -12.97 -2.29 -4.23
N ASN A 38 -12.85 -2.16 -4.23
CA ASN A 38 -12.51 -3.67 -4.43
CA ASN A 38 -12.42 -3.47 -4.67
C ASN A 38 -11.00 -3.63 -4.27
C ASN A 38 -11.04 -3.88 -4.17
N TYR A 39 -10.57 -3.30 -3.07
CA TYR A 39 -9.16 -3.26 -2.73
C TYR A 39 -8.65 -4.63 -2.35
N LEU A 40 -7.34 -4.87 -2.46
CA LEU A 40 -6.82 -6.16 -2.12
C LEU A 40 -5.74 -5.97 -1.07
N CYS A 41 -5.77 -6.72 0.00
CA CYS A 41 -4.66 -6.72 0.99
C CYS A 41 -3.52 -7.63 0.54
N ALA A 42 -2.27 -7.15 0.64
CA ALA A 42 -1.14 -7.95 0.20
C ALA A 42 -0.54 -8.66 1.41
N GLY A 43 -1.16 -8.46 2.58
CA GLY A 43 -0.71 -9.09 3.83
C GLY A 43 -1.73 -10.07 4.36
N ARG A 44 -2.15 -9.98 5.61
N ARG A 44 -2.07 -9.89 5.64
CA ARG A 44 -3.11 -10.99 6.10
CA ARG A 44 -2.93 -10.81 6.38
C ARG A 44 -4.39 -10.34 6.65
C ARG A 44 -4.17 -10.06 6.92
N ASN A 45 -4.73 -9.18 6.09
CA ASN A 45 -5.87 -8.37 6.50
C ASN A 45 -5.78 -7.83 7.89
N ASP A 46 -4.56 -7.55 8.33
CA ASP A 46 -4.35 -6.87 9.60
C ASP A 46 -3.18 -5.93 9.52
N CYS A 47 -3.06 -5.25 8.39
CA CYS A 47 -1.98 -4.32 8.20
C CYS A 47 -2.05 -3.24 9.23
N ILE A 48 -0.88 -2.77 9.66
CA ILE A 48 -0.83 -1.63 10.62
C ILE A 48 -1.18 -0.34 9.91
N ILE A 49 -2.27 0.31 10.33
CA ILE A 49 -2.75 1.48 9.63
C ILE A 49 -2.41 2.69 10.50
N ASP A 50 -1.35 3.41 10.15
CA ASP A 50 -1.02 4.60 10.95
C ASP A 50 -0.62 5.67 10.02
N LYS A 51 -0.08 6.76 10.53
CA LYS A 51 0.06 7.93 9.69
C LYS A 51 0.97 7.57 8.53
N ILE A 52 2.04 6.84 8.82
CA ILE A 52 3.07 6.63 7.82
C ILE A 52 2.73 5.46 6.91
N ARG A 53 1.83 4.57 7.36
CA ARG A 53 1.48 3.36 6.57
C ARG A 53 0.04 3.26 6.07
N ARG A 54 -0.80 4.21 6.44
CA ARG A 54 -2.19 4.09 6.08
C ARG A 54 -2.30 4.10 4.55
N LYS A 55 -1.36 4.74 3.83
CA LYS A 55 -1.35 4.64 2.35
C LYS A 55 -1.15 3.21 1.76
N ASN A 56 -0.40 2.37 2.44
CA ASN A 56 -0.01 1.05 1.93
C ASN A 56 -1.21 0.16 1.68
N CYS A 57 -2.23 0.24 2.53
CA CYS A 57 -3.29 -0.77 2.44
C CYS A 57 -4.70 -0.28 2.57
N PRO A 58 -5.24 0.25 1.45
CA PRO A 58 -6.63 0.66 1.46
C PRO A 58 -7.61 -0.42 1.90
N ALA A 59 -7.38 -1.72 1.61
CA ALA A 59 -8.29 -2.79 2.05
C ALA A 59 -8.41 -2.68 3.56
N CYS A 60 -7.28 -2.69 4.22
CA CYS A 60 -7.30 -2.69 5.66
C CYS A 60 -7.74 -1.32 6.21
N ARG A 61 -7.37 -0.22 5.55
CA ARG A 61 -7.81 1.09 6.08
C ARG A 61 -9.31 1.18 6.01
N TYR A 62 -9.91 0.64 4.95
CA TYR A 62 -11.39 0.70 4.85
C TYR A 62 -12.04 -0.21 5.81
N ARG A 63 -11.50 -1.44 6.04
CA ARG A 63 -12.06 -2.33 7.06
C ARG A 63 -12.02 -1.61 8.43
N LYS A 64 -10.93 -0.94 8.72
CA LYS A 64 -10.82 -0.20 9.99
C LYS A 64 -11.87 0.93 10.15
N CYS A 65 -12.11 1.68 9.07
CA CYS A 65 -13.19 2.66 9.07
C CYS A 65 -14.54 1.99 9.40
N LEU A 66 -14.87 0.86 8.73
CA LEU A 66 -16.17 0.22 8.96
C LEU A 66 -16.14 -0.27 10.38
N GLN A 67 -15.04 -0.89 10.73
CA GLN A 67 -14.96 -1.44 12.11
C GLN A 67 -15.15 -0.36 13.20
N ALA A 68 -14.68 0.84 12.93
CA ALA A 68 -14.87 1.94 13.93
C ALA A 68 -16.31 2.43 13.92
N GLY A 69 -17.08 2.09 12.88
CA GLY A 69 -18.48 2.50 12.88
C GLY A 69 -18.79 3.63 11.93
N MET A 70 -17.85 3.97 11.05
CA MET A 70 -18.12 5.01 10.05
C MET A 70 -19.32 4.71 9.15
N ASN A 71 -20.15 5.70 8.94
CA ASN A 71 -21.30 5.58 8.03
C ASN A 71 -21.74 6.94 7.48
N LEU A 72 -22.11 7.00 6.22
CA LEU A 72 -22.25 8.31 5.62
C LEU A 72 -23.41 9.06 6.25
N GLU A 73 -24.46 8.33 6.58
CA GLU A 73 -25.66 8.98 7.08
C GLU A 73 -25.55 9.16 8.56
N ALA A 74 -24.33 9.23 9.11
CA ALA A 74 -24.25 9.33 10.57
C ALA A 74 -25.03 10.61 10.95
N ARG A 75 -24.95 11.66 10.13
CA ARG A 75 -25.58 12.97 10.48
C ARG A 75 -27.10 12.91 10.56
N LYS A 76 -27.73 12.51 9.47
CA LYS A 76 -29.18 12.33 9.42
C LYS A 76 -29.65 11.24 10.40
N THR A 77 -28.71 10.55 11.05
CA THR A 77 -29.04 9.57 12.09
C THR A 77 -28.92 10.25 13.47
N LYS A 78 -29.54 11.42 13.60
CA LYS A 78 -29.58 12.18 14.85
C LYS A 78 -28.51 11.74 15.85
N SER B 2 9.80 -13.58 -23.28
CA SER B 2 8.40 -13.19 -23.14
C SER B 2 7.75 -14.07 -22.09
N HIS B 3 8.27 -14.01 -20.88
CA HIS B 3 7.86 -14.96 -19.86
C HIS B 3 7.12 -14.32 -18.69
N MET B 4 7.85 -13.85 -17.70
CA MET B 4 7.26 -13.50 -16.41
C MET B 4 8.25 -12.79 -15.49
N CYS B 5 7.86 -11.64 -14.95
CA CYS B 5 8.73 -10.88 -14.05
C CYS B 5 9.15 -11.72 -12.86
N LEU B 6 10.43 -11.65 -12.49
CA LEU B 6 10.95 -12.34 -11.31
C LEU B 6 10.53 -11.62 -10.02
N VAL B 7 10.07 -10.39 -10.13
CA VAL B 7 9.67 -9.66 -8.92
C VAL B 7 8.19 -9.78 -8.67
N CYS B 8 7.36 -9.41 -9.65
CA CYS B 8 5.91 -9.45 -9.43
C CYS B 8 5.19 -10.56 -10.20
N SER B 9 5.88 -11.19 -11.17
CA SER B 9 5.27 -12.26 -11.96
C SER B 9 4.29 -11.73 -12.98
N ASP B 10 4.43 -10.45 -13.33
CA ASP B 10 3.73 -9.89 -14.47
C ASP B 10 4.41 -10.46 -15.72
N GLU B 11 4.21 -9.82 -16.86
CA GLU B 11 4.91 -10.24 -18.07
C GLU B 11 6.23 -9.50 -18.17
N ALA B 12 7.32 -10.24 -18.15
CA ALA B 12 8.64 -9.62 -18.24
C ALA B 12 8.89 -9.07 -19.62
N SER B 13 9.53 -7.91 -19.68
CA SER B 13 9.81 -7.23 -20.94
C SER B 13 11.30 -7.15 -21.19
N GLY B 14 12.03 -8.15 -20.70
CA GLY B 14 13.47 -8.18 -20.90
C GLY B 14 14.22 -8.23 -19.58
N CYS B 15 15.52 -8.05 -19.67
CA CYS B 15 16.38 -8.07 -18.50
C CYS B 15 16.77 -6.65 -18.16
N HIS B 16 16.39 -6.18 -16.97
CA HIS B 16 16.73 -4.84 -16.52
C HIS B 16 17.53 -4.86 -15.25
N TYR B 17 18.53 -4.01 -15.16
CA TYR B 17 19.41 -3.94 -14.00
C TYR B 17 19.78 -5.31 -13.47
N GLY B 18 19.95 -6.26 -14.37
CA GLY B 18 20.49 -7.56 -14.02
C GLY B 18 19.46 -8.66 -13.90
N VAL B 19 18.18 -8.33 -14.11
CA VAL B 19 17.13 -9.29 -13.77
C VAL B 19 15.99 -9.23 -14.77
N LEU B 20 15.44 -10.40 -15.07
CA LEU B 20 14.28 -10.50 -15.94
C LEU B 20 13.05 -9.94 -15.23
N THR B 21 12.66 -8.71 -15.57
CA THR B 21 11.56 -8.06 -14.87
C THR B 21 10.64 -7.32 -15.84
N CYS B 22 9.42 -7.05 -15.38
CA CYS B 22 8.46 -6.25 -16.13
C CYS B 22 8.95 -4.82 -16.20
N GLY B 23 8.29 -3.98 -16.98
CA GLY B 23 8.67 -2.59 -17.11
C GLY B 23 8.33 -1.78 -15.87
N SER B 24 7.23 -2.13 -15.21
CA SER B 24 6.83 -1.36 -14.02
C SER B 24 7.90 -1.59 -12.94
N CYS B 25 8.42 -2.81 -12.84
CA CYS B 25 9.40 -3.10 -11.81
C CYS B 25 10.76 -2.47 -12.09
N LYS B 26 11.12 -2.41 -13.37
CA LYS B 26 12.33 -1.74 -13.80
C LYS B 26 12.37 -0.31 -13.29
N VAL B 27 11.32 0.46 -13.58
CA VAL B 27 11.31 1.87 -13.24
C VAL B 27 11.11 2.08 -11.72
N PHE B 28 10.28 1.25 -11.08
CA PHE B 28 10.16 1.25 -9.63
C PHE B 28 11.56 1.11 -8.98
N PHE B 29 12.39 0.21 -9.52
CA PHE B 29 13.69 -0.05 -8.90
C PHE B 29 14.60 1.16 -9.03
N LYS B 30 14.73 1.71 -10.23
CA LYS B 30 15.57 2.88 -10.42
C LYS B 30 15.16 3.97 -9.45
N ARG B 31 13.85 4.18 -9.34
CA ARG B 31 13.34 5.24 -8.47
C ARG B 31 13.68 4.99 -7.01
N ALA B 32 13.56 3.74 -6.57
CA ALA B 32 13.78 3.40 -5.17
C ALA B 32 15.26 3.57 -4.79
N VAL B 33 16.15 3.28 -5.72
CA VAL B 33 17.58 3.32 -5.41
C VAL B 33 18.12 4.74 -5.31
N GLU B 34 17.62 5.62 -6.17
CA GLU B 34 18.11 6.99 -6.25
C GLU B 34 17.37 7.92 -5.33
N GLY B 35 16.12 7.58 -5.03
CA GLY B 35 15.34 8.36 -4.11
C GLY B 35 15.74 8.09 -2.68
N GLN B 36 16.36 6.93 -2.47
CA GLN B 36 16.91 6.57 -1.17
C GLN B 36 15.83 6.43 -0.13
N HIS B 37 14.63 6.07 -0.56
CA HIS B 37 13.51 6.01 0.36
C HIS B 37 13.73 4.89 1.36
N ASN B 38 13.38 5.19 2.61
CA ASN B 38 13.22 4.21 3.64
C ASN B 38 11.76 3.80 3.73
N TYR B 39 11.38 2.74 3.02
CA TYR B 39 10.00 2.24 3.09
C TYR B 39 9.77 1.45 4.34
N LEU B 40 8.53 1.37 4.78
CA LEU B 40 8.20 0.53 5.91
C LEU B 40 6.99 -0.34 5.60
N CYS B 41 7.11 -1.65 5.84
CA CYS B 41 6.02 -2.59 5.61
C CYS B 41 5.00 -2.41 6.70
N ALA B 42 3.71 -2.63 6.38
CA ALA B 42 2.66 -2.55 7.39
C ALA B 42 2.16 -3.89 7.76
N GLY B 43 2.81 -4.96 7.24
CA GLY B 43 2.47 -6.33 7.64
C GLY B 43 3.67 -6.98 8.37
N ARG B 44 4.37 -7.85 7.67
CA ARG B 44 5.35 -8.75 8.35
C ARG B 44 6.61 -8.90 7.53
N ASN B 45 6.80 -8.00 6.56
CA ASN B 45 7.98 -8.02 5.66
C ASN B 45 7.92 -9.23 4.75
N ASP B 46 6.68 -9.62 4.47
N ASP B 46 6.71 -9.59 4.37
CA ASP B 46 6.42 -10.77 3.58
CA ASP B 46 6.53 -10.71 3.45
C ASP B 46 5.16 -10.59 2.72
C ASP B 46 5.19 -10.59 2.71
N CYS B 47 4.91 -9.37 2.27
CA CYS B 47 3.72 -9.08 1.47
C CYS B 47 3.77 -9.80 0.14
N ILE B 48 2.58 -10.15 -0.39
CA ILE B 48 2.42 -10.71 -1.74
C ILE B 48 2.72 -9.66 -2.76
N ILE B 49 3.67 -9.91 -3.63
CA ILE B 49 3.94 -8.93 -4.67
C ILE B 49 3.49 -9.53 -5.98
N ASP B 50 2.28 -9.24 -6.41
CA ASP B 50 1.90 -9.64 -7.76
C ASP B 50 1.45 -8.43 -8.59
N LYS B 51 0.94 -8.66 -9.79
CA LYS B 51 0.61 -7.57 -10.68
C LYS B 51 -0.37 -6.64 -9.98
N ILE B 52 -1.25 -7.20 -9.18
CA ILE B 52 -2.31 -6.42 -8.52
C ILE B 52 -1.85 -5.73 -7.23
N ARG B 53 -1.01 -6.42 -6.48
CA ARG B 53 -0.67 -5.93 -5.14
C ARG B 53 0.69 -5.26 -5.06
N ARG B 54 1.50 -5.32 -6.12
CA ARG B 54 2.88 -4.82 -6.02
C ARG B 54 2.90 -3.34 -5.60
N LYS B 55 1.85 -2.59 -5.88
CA LYS B 55 1.93 -1.18 -5.54
C LYS B 55 1.65 -0.98 -4.05
N ASN B 56 1.05 -1.96 -3.37
CA ASN B 56 0.70 -1.76 -1.97
C ASN B 56 1.92 -1.59 -1.05
N CYS B 57 3.00 -2.34 -1.25
CA CYS B 57 4.08 -2.35 -0.26
C CYS B 57 5.40 -2.25 -0.97
N PRO B 58 5.87 -1.00 -1.16
CA PRO B 58 7.16 -0.74 -1.85
C PRO B 58 8.35 -1.26 -1.01
N ALA B 59 8.21 -1.30 0.31
CA ALA B 59 9.23 -1.94 1.11
C ALA B 59 9.47 -3.38 0.62
N CYS B 60 8.40 -4.17 0.53
CA CYS B 60 8.55 -5.59 0.17
C CYS B 60 8.87 -5.74 -1.31
N ARG B 61 8.36 -4.83 -2.12
CA ARG B 61 8.69 -4.85 -3.54
C ARG B 61 10.17 -4.56 -3.77
N TYR B 62 10.64 -3.51 -3.13
CA TYR B 62 12.05 -3.16 -3.21
C TYR B 62 12.89 -4.30 -2.69
N ARG B 63 12.54 -4.82 -1.53
CA ARG B 63 13.28 -5.95 -1.00
C ARG B 63 13.35 -7.10 -2.03
N LYS B 64 12.24 -7.42 -2.67
CA LYS B 64 12.23 -8.49 -3.69
C LYS B 64 13.15 -8.17 -4.88
N CYS B 65 13.07 -6.94 -5.37
CA CYS B 65 14.01 -6.48 -6.37
C CYS B 65 15.44 -6.82 -5.97
N LEU B 66 15.80 -6.41 -4.75
CA LEU B 66 17.16 -6.57 -4.27
C LEU B 66 17.52 -8.02 -4.18
N GLN B 67 16.59 -8.82 -3.69
CA GLN B 67 16.86 -10.24 -3.52
C GLN B 67 16.88 -11.02 -4.83
N ALA B 68 16.23 -10.50 -5.87
CA ALA B 68 16.37 -11.10 -7.19
C ALA B 68 17.71 -10.66 -7.81
N GLY B 69 18.40 -9.75 -7.14
CA GLY B 69 19.72 -9.31 -7.56
C GLY B 69 19.72 -8.14 -8.52
N MET B 70 18.72 -7.27 -8.45
CA MET B 70 18.70 -6.10 -9.31
C MET B 70 19.79 -5.17 -8.81
N ASN B 71 20.41 -4.43 -9.73
CA ASN B 71 21.54 -3.56 -9.39
C ASN B 71 21.74 -2.57 -10.54
N LEU B 72 22.00 -1.29 -10.27
CA LEU B 72 22.10 -0.30 -11.36
C LEU B 72 23.39 -0.49 -12.17
N GLU B 73 24.49 -0.74 -11.47
CA GLU B 73 25.76 -1.04 -12.12
C GLU B 73 25.81 -2.53 -12.41
N ALA B 74 24.81 -3.04 -13.11
CA ALA B 74 24.77 -4.45 -13.47
C ALA B 74 25.37 -4.61 -14.86
N ARG B 75 25.02 -3.69 -15.75
CA ARG B 75 25.52 -3.70 -17.11
C ARG B 75 27.03 -3.45 -17.15
N LYS B 76 27.50 -2.53 -16.31
CA LYS B 76 28.92 -2.26 -16.19
C LYS B 76 29.69 -3.57 -16.02
N THR B 77 29.09 -4.52 -15.31
CA THR B 77 29.72 -5.81 -15.11
C THR B 77 29.98 -6.49 -16.45
ZN ZN E . -6.91 8.89 10.34
ZN ZN F . -3.86 -5.06 4.48
ZN ZN G . 7.36 -6.96 -12.13
ZN ZN H . 5.21 -5.54 3.05
#